data_6D34
#
_entry.id   6D34
#
_cell.length_a   134.721
_cell.length_b   31.020
_cell.length_c   101.258
_cell.angle_alpha   90.000
_cell.angle_beta   130.660
_cell.angle_gamma   90.000
#
_symmetry.space_group_name_H-M   'C 1 2 1'
#
loop_
_entity.id
_entity.type
_entity.pdbx_description
1 polymer TerC
2 non-polymer 'ISOPROPYL ALCOHOL'
3 water water
#
_entity_poly.entity_id   1
_entity_poly.type   'polypeptide(L)'
_entity_poly.pdbx_seq_one_letter_code
;MGSSHHHHHHSSGLVPRGSHVANTMASPNTPAPPNAAASPNPSDSPNPSDSPNPPASPNIEAILASYAGFRDRDIEGILS
GMHPDVEWVHPEGMGKYGLGGTKLGHAGIKEFLAHVPTVLGGMRLAPREFIEQGDRVVVFGTREVTSLRGTTATLDFVHS
WTMRDGKATRMEDIFDTVAFHELIES
;
_entity_poly.pdbx_strand_id   A,B
#
# COMPACT_ATOMS: atom_id res chain seq x y z
N PRO A 55 -8.46 6.31 -24.95
CA PRO A 55 -9.58 5.41 -24.83
C PRO A 55 -9.51 4.88 -23.44
N ALA A 56 -9.58 5.75 -22.48
CA ALA A 56 -9.47 5.29 -21.13
C ALA A 56 -10.72 4.54 -20.80
N SER A 57 -10.66 3.47 -20.06
CA SER A 57 -11.86 2.76 -19.70
C SER A 57 -12.79 3.55 -18.78
N PRO A 58 -14.08 3.19 -18.75
CA PRO A 58 -14.99 3.92 -17.88
C PRO A 58 -14.57 4.00 -16.43
N ASN A 59 -14.07 2.93 -15.87
CA ASN A 59 -13.58 2.97 -14.49
C ASN A 59 -12.48 4.01 -14.34
N ILE A 60 -11.46 3.94 -15.19
CA ILE A 60 -10.35 4.88 -15.09
C ILE A 60 -10.81 6.30 -15.41
N GLU A 61 -11.74 6.43 -16.35
CA GLU A 61 -12.32 7.75 -16.64
C GLU A 61 -12.96 8.32 -15.38
N ALA A 62 -13.74 7.52 -14.67
CA ALA A 62 -14.42 8.00 -13.46
C ALA A 62 -13.40 8.31 -12.36
N ILE A 63 -12.36 7.49 -12.24
CA ILE A 63 -11.34 7.73 -11.23
C ILE A 63 -10.61 9.04 -11.52
N LEU A 64 -10.25 9.27 -12.77
CA LEU A 64 -9.55 10.51 -13.14
C LEU A 64 -10.41 11.73 -12.82
N ALA A 65 -11.72 11.64 -13.03
CA ALA A 65 -12.59 12.77 -12.74
C ALA A 65 -12.57 13.10 -11.25
N SER A 66 -12.55 12.06 -10.40
CA SER A 66 -12.51 12.30 -8.96
C SER A 66 -11.18 12.91 -8.53
N TYR A 67 -10.06 12.41 -9.08
CA TYR A 67 -8.78 13.03 -8.81
C TYR A 67 -8.79 14.50 -9.22
N ALA A 68 -9.37 14.81 -10.36
CA ALA A 68 -9.52 16.21 -10.77
C ALA A 68 -10.35 16.98 -9.76
N GLY A 69 -11.38 16.34 -9.20
CA GLY A 69 -12.20 17.01 -8.20
C GLY A 69 -11.42 17.35 -6.94
N PHE A 70 -10.55 16.44 -6.51
CA PHE A 70 -9.71 16.73 -5.34
C PHE A 70 -8.68 17.81 -5.67
N ARG A 71 -8.04 17.70 -6.84
CA ARG A 71 -7.06 18.69 -7.24
C ARG A 71 -7.64 20.11 -7.23
N ASP A 72 -8.84 20.26 -7.79
CA ASP A 72 -9.47 21.56 -7.93
C ASP A 72 -10.42 21.91 -6.78
N ARG A 73 -10.47 21.09 -5.74
CA ARG A 73 -11.32 21.35 -4.58
C ARG A 73 -12.78 21.51 -5.01
N ASP A 74 -13.26 20.54 -5.79
CA ASP A 74 -14.61 20.54 -6.33
C ASP A 74 -15.31 19.28 -5.80
N ILE A 75 -16.08 19.44 -4.73
CA ILE A 75 -16.70 18.27 -4.11
C ILE A 75 -17.56 17.52 -5.12
N GLU A 76 -18.30 18.25 -5.96
CA GLU A 76 -19.11 17.59 -6.98
C GLU A 76 -18.28 16.64 -7.83
N GLY A 77 -17.09 17.09 -8.24
CA GLY A 77 -16.23 16.24 -9.05
C GLY A 77 -15.74 15.01 -8.31
N ILE A 78 -15.33 15.19 -7.05
CA ILE A 78 -14.90 14.04 -6.24
C ILE A 78 -16.00 13.00 -6.19
N LEU A 79 -17.23 13.42 -5.85
CA LEU A 79 -18.32 12.48 -5.66
C LEU A 79 -18.86 11.93 -6.97
N SER A 80 -18.53 12.56 -8.11
CA SER A 80 -19.02 12.07 -9.39
C SER A 80 -18.59 10.64 -9.66
N GLY A 81 -17.52 10.15 -9.03
CA GLY A 81 -17.06 8.80 -9.22
C GLY A 81 -17.31 7.88 -8.05
N MET A 82 -18.20 8.29 -7.14
CA MET A 82 -18.50 7.53 -5.92
C MET A 82 -19.97 7.14 -5.91
N HIS A 83 -20.23 5.91 -5.47
CA HIS A 83 -21.61 5.53 -5.19
C HIS A 83 -22.06 6.14 -3.86
N PRO A 84 -23.35 6.36 -3.68
CA PRO A 84 -23.83 6.90 -2.39
C PRO A 84 -23.43 6.05 -1.19
N ASP A 85 -23.28 4.74 -1.36
CA ASP A 85 -22.85 3.86 -0.28
C ASP A 85 -21.36 3.51 -0.40
N VAL A 86 -20.55 4.46 -0.85
CA VAL A 86 -19.11 4.21 -1.00
C VAL A 86 -18.46 4.09 0.37
N GLU A 87 -17.34 3.38 0.41
CA GLU A 87 -16.56 3.19 1.63
C GLU A 87 -15.16 3.76 1.40
N TRP A 88 -14.75 4.70 2.25
CA TRP A 88 -13.40 5.25 2.24
C TRP A 88 -12.62 4.65 3.40
N VAL A 89 -11.47 4.06 3.10
CA VAL A 89 -10.68 3.34 4.09
C VAL A 89 -9.28 3.96 4.15
N HIS A 90 -8.85 4.34 5.35
CA HIS A 90 -7.51 4.85 5.58
C HIS A 90 -6.85 4.05 6.69
N PRO A 91 -5.52 4.09 6.78
CA PRO A 91 -4.82 3.22 7.73
C PRO A 91 -5.20 3.51 9.17
N GLU A 92 -5.28 2.45 9.98
CA GLU A 92 -5.60 2.60 11.40
C GLU A 92 -4.57 3.47 12.11
N GLY A 93 -3.32 3.44 11.66
CA GLY A 93 -2.26 4.24 12.27
C GLY A 93 -2.46 5.74 12.15
N MET A 94 -3.43 6.19 11.36
CA MET A 94 -3.75 7.60 11.27
C MET A 94 -4.78 8.03 12.31
N GLY A 95 -5.23 7.10 13.17
CA GLY A 95 -6.20 7.46 14.19
C GLY A 95 -5.68 8.53 15.13
N LYS A 96 -4.36 8.59 15.33
CA LYS A 96 -3.77 9.66 16.11
C LYS A 96 -4.26 11.02 15.67
N TYR A 97 -4.60 11.17 14.38
CA TYR A 97 -5.01 12.45 13.81
C TYR A 97 -6.45 12.45 13.32
N GLY A 98 -7.24 11.45 13.71
CA GLY A 98 -8.62 11.39 13.26
C GLY A 98 -8.78 11.12 11.78
N LEU A 99 -7.75 10.60 11.11
CA LEU A 99 -7.80 10.35 9.68
C LEU A 99 -7.64 8.86 9.35
N GLY A 100 -7.96 7.98 10.29
CA GLY A 100 -7.82 6.56 10.12
C GLY A 100 -9.18 5.87 10.13
N GLY A 101 -9.16 4.62 9.67
CA GLY A 101 -10.35 3.81 9.67
C GLY A 101 -11.24 4.09 8.47
N THR A 102 -12.52 3.80 8.65
CA THR A 102 -13.49 3.81 7.56
C THR A 102 -14.44 5.00 7.69
N LYS A 103 -14.78 5.58 6.53
CA LYS A 103 -15.82 6.59 6.40
C LYS A 103 -16.84 6.10 5.39
N LEU A 104 -18.11 6.38 5.65
CA LEU A 104 -19.21 5.82 4.87
C LEU A 104 -19.95 6.92 4.12
N GLY A 105 -20.19 6.69 2.82
CA GLY A 105 -21.09 7.53 2.05
C GLY A 105 -20.50 8.89 1.69
N HIS A 106 -21.31 9.66 0.95
CA HIS A 106 -20.95 11.04 0.65
C HIS A 106 -20.71 11.82 1.92
N ALA A 107 -21.52 11.59 2.96
CA ALA A 107 -21.37 12.32 4.20
C ALA A 107 -20.03 12.02 4.86
N GLY A 108 -19.55 10.78 4.75
CA GLY A 108 -18.27 10.45 5.34
C GLY A 108 -17.11 11.09 4.62
N ILE A 109 -17.17 11.15 3.29
CA ILE A 109 -16.13 11.82 2.52
C ILE A 109 -16.04 13.29 2.93
N LYS A 110 -17.19 13.95 3.03
CA LYS A 110 -17.21 15.36 3.41
C LYS A 110 -16.63 15.56 4.81
N GLU A 111 -16.99 14.69 5.76
CA GLU A 111 -16.39 14.74 7.08
C GLU A 111 -14.86 14.66 7.00
N PHE A 112 -14.37 13.72 6.19
CA PHE A 112 -12.94 13.48 6.11
C PHE A 112 -12.22 14.70 5.56
N LEU A 113 -12.67 15.20 4.41
CA LEU A 113 -12.03 16.35 3.78
C LEU A 113 -12.10 17.59 4.67
N ALA A 114 -13.15 17.72 5.48
CA ALA A 114 -13.26 18.86 6.37
C ALA A 114 -12.29 18.77 7.53
N HIS A 115 -11.87 17.56 7.90
CA HIS A 115 -10.92 17.41 9.00
C HIS A 115 -9.47 17.58 8.56
N VAL A 116 -9.18 17.26 7.29
CA VAL A 116 -7.80 17.28 6.82
C VAL A 116 -7.12 18.63 7.08
N PRO A 117 -7.71 19.77 6.74
CA PRO A 117 -7.02 21.05 6.94
C PRO A 117 -6.64 21.32 8.38
N THR A 118 -7.27 20.64 9.35
CA THR A 118 -6.88 20.77 10.74
C THR A 118 -5.57 20.05 11.05
N VAL A 119 -5.11 19.17 10.15
CA VAL A 119 -3.92 18.36 10.38
C VAL A 119 -2.80 18.73 9.42
N LEU A 120 -3.14 18.98 8.15
N LEU A 120 -3.11 18.95 8.14
CA LEU A 120 -2.18 19.23 7.08
CA LEU A 120 -2.09 19.27 7.16
C LEU A 120 -2.37 20.64 6.52
C LEU A 120 -2.36 20.63 6.54
N GLY A 121 -1.31 21.16 5.90
CA GLY A 121 -1.39 22.44 5.24
C GLY A 121 -1.82 22.29 3.79
N GLY A 122 -1.58 21.12 3.22
CA GLY A 122 -1.96 20.88 1.83
C GLY A 122 -1.52 19.50 1.39
N MET A 123 -2.12 19.06 0.28
CA MET A 123 -1.81 17.77 -0.32
C MET A 123 -2.11 17.85 -1.81
N ARG A 124 -1.18 17.37 -2.62
CA ARG A 124 -1.32 17.38 -4.08
C ARG A 124 -0.93 16.01 -4.60
N LEU A 125 -1.89 15.33 -5.25
CA LEU A 125 -1.68 13.98 -5.73
C LEU A 125 -1.11 13.99 -7.14
N ALA A 126 -0.24 13.02 -7.42
CA ALA A 126 0.34 12.83 -8.75
C ALA A 126 0.26 11.35 -9.10
N PRO A 127 -0.88 10.88 -9.58
CA PRO A 127 -0.97 9.49 -10.03
C PRO A 127 0.00 9.23 -11.18
N ARG A 128 0.54 8.01 -11.21
CA ARG A 128 1.60 7.66 -12.15
C ARG A 128 1.30 6.38 -12.90
N GLU A 129 0.64 5.43 -12.24
CA GLU A 129 0.44 4.10 -12.81
C GLU A 129 -0.94 3.58 -12.42
N PHE A 130 -1.64 2.99 -13.40
CA PHE A 130 -2.97 2.43 -13.20
C PHE A 130 -2.94 0.96 -13.57
N ILE A 131 -3.21 0.09 -12.60
CA ILE A 131 -3.30 -1.35 -12.81
C ILE A 131 -4.78 -1.72 -12.70
N GLU A 132 -5.37 -2.17 -13.80
CA GLU A 132 -6.80 -2.49 -13.85
C GLU A 132 -7.02 -3.94 -14.25
N GLN A 133 -7.87 -4.63 -13.49
CA GLN A 133 -8.35 -5.96 -13.85
C GLN A 133 -9.81 -6.04 -13.43
N GLY A 134 -10.71 -6.11 -14.42
CA GLY A 134 -12.13 -6.16 -14.10
C GLY A 134 -12.58 -4.87 -13.44
N ASP A 135 -13.16 -4.99 -12.26
CA ASP A 135 -13.66 -3.85 -11.50
C ASP A 135 -12.72 -3.44 -10.37
N ARG A 136 -11.45 -3.85 -10.43
CA ARG A 136 -10.43 -3.42 -9.49
C ARG A 136 -9.40 -2.57 -10.21
N VAL A 137 -9.09 -1.41 -9.64
CA VAL A 137 -8.06 -0.52 -10.16
C VAL A 137 -7.13 -0.16 -9.01
N VAL A 138 -5.83 -0.36 -9.20
CA VAL A 138 -4.82 0.01 -8.22
C VAL A 138 -3.98 1.13 -8.82
N VAL A 139 -3.93 2.27 -8.13
CA VAL A 139 -3.23 3.45 -8.59
C VAL A 139 -1.99 3.64 -7.72
N PHE A 140 -0.84 3.77 -8.37
CA PHE A 140 0.40 4.12 -7.71
C PHE A 140 0.81 5.53 -8.12
N GLY A 141 1.26 6.31 -7.15
CA GLY A 141 1.81 7.61 -7.45
C GLY A 141 2.50 8.20 -6.25
N THR A 142 2.84 9.48 -6.37
CA THR A 142 3.41 10.24 -5.28
C THR A 142 2.45 11.39 -4.96
N ARG A 143 2.69 12.04 -3.82
CA ARG A 143 1.91 13.20 -3.46
C ARG A 143 2.77 14.13 -2.63
N GLU A 144 2.64 15.43 -2.91
CA GLU A 144 3.32 16.46 -2.16
C GLU A 144 2.46 16.84 -0.96
N VAL A 145 3.01 16.70 0.24
CA VAL A 145 2.27 16.92 1.48
C VAL A 145 2.94 18.05 2.24
N THR A 146 2.15 19.03 2.65
CA THR A 146 2.65 20.21 3.34
C THR A 146 2.09 20.24 4.75
N SER A 147 2.98 20.38 5.73
CA SER A 147 2.56 20.48 7.12
C SER A 147 1.93 21.85 7.39
N LEU A 148 1.33 21.98 8.57
CA LEU A 148 0.80 23.27 8.99
C LEU A 148 1.89 24.31 9.20
N ARG A 149 3.16 23.90 9.23
CA ARG A 149 4.28 24.84 9.30
C ARG A 149 4.86 25.14 7.92
N GLY A 150 4.25 24.65 6.86
CA GLY A 150 4.77 24.88 5.53
C GLY A 150 5.90 23.98 5.11
N THR A 151 6.25 22.97 5.92
CA THR A 151 7.25 21.99 5.54
C THR A 151 6.65 21.02 4.54
N THR A 152 7.39 20.73 3.47
CA THR A 152 6.89 19.93 2.37
C THR A 152 7.73 18.67 2.20
N ALA A 153 7.08 17.60 1.77
CA ALA A 153 7.76 16.33 1.51
C ALA A 153 7.03 15.63 0.37
N THR A 154 7.77 14.79 -0.34
CA THR A 154 7.21 13.95 -1.40
C THR A 154 7.08 12.52 -0.87
N LEU A 155 5.84 12.02 -0.83
CA LEU A 155 5.55 10.71 -0.27
C LEU A 155 4.84 9.85 -1.32
N ASP A 156 4.81 8.55 -1.06
CA ASP A 156 4.20 7.57 -1.95
C ASP A 156 2.78 7.27 -1.49
N PHE A 157 1.92 6.91 -2.44
CA PHE A 157 0.58 6.47 -2.11
C PHE A 157 0.18 5.30 -3.00
N VAL A 158 -0.67 4.44 -2.46
CA VAL A 158 -1.37 3.42 -3.22
C VAL A 158 -2.85 3.58 -2.96
N HIS A 159 -3.65 3.65 -4.03
CA HIS A 159 -5.09 3.78 -3.94
C HIS A 159 -5.72 2.56 -4.59
N SER A 160 -6.40 1.74 -3.80
CA SER A 160 -7.03 0.52 -4.28
C SER A 160 -8.52 0.77 -4.45
N TRP A 161 -9.00 0.71 -5.70
CA TRP A 161 -10.37 1.06 -6.04
C TRP A 161 -11.17 -0.20 -6.36
N THR A 162 -12.40 -0.25 -5.85
CA THR A 162 -13.36 -1.26 -6.24
C THR A 162 -14.55 -0.55 -6.85
N MET A 163 -14.93 -0.96 -8.06
CA MET A 163 -15.91 -0.24 -8.86
C MET A 163 -17.13 -1.12 -9.11
N ARG A 164 -18.27 -0.47 -9.33
CA ARG A 164 -19.47 -1.14 -9.81
C ARG A 164 -20.23 -0.19 -10.71
N ASP A 165 -20.43 -0.60 -11.97
CA ASP A 165 -21.18 0.20 -12.93
C ASP A 165 -20.58 1.58 -13.13
N GLY A 166 -19.24 1.64 -13.10
CA GLY A 166 -18.53 2.86 -13.42
C GLY A 166 -18.32 3.81 -12.26
N LYS A 167 -18.72 3.44 -11.05
CA LYS A 167 -18.51 4.26 -9.87
C LYS A 167 -17.91 3.40 -8.76
N ALA A 168 -17.30 4.07 -7.79
CA ALA A 168 -16.54 3.38 -6.74
C ALA A 168 -17.45 2.92 -5.62
N THR A 169 -17.32 1.65 -5.25
CA THR A 169 -17.90 1.15 -4.01
C THR A 169 -16.92 1.22 -2.85
N ARG A 170 -15.62 1.29 -3.13
CA ARG A 170 -14.61 1.29 -2.09
C ARG A 170 -13.34 1.94 -2.61
N MET A 171 -12.69 2.73 -1.76
CA MET A 171 -11.40 3.33 -2.06
C MET A 171 -10.57 3.31 -0.79
N GLU A 172 -9.44 2.60 -0.84
CA GLU A 172 -8.54 2.49 0.30
C GLU A 172 -7.20 3.13 -0.02
N ASP A 173 -6.67 3.87 0.96
CA ASP A 173 -5.39 4.56 0.83
C ASP A 173 -4.39 3.85 1.73
N ILE A 174 -3.32 3.31 1.12
CA ILE A 174 -2.30 2.56 1.84
C ILE A 174 -0.96 3.25 1.65
N PHE A 175 -0.29 3.57 2.75
CA PHE A 175 0.96 4.33 2.68
C PHE A 175 1.74 4.17 3.97
N ASP A 176 3.00 4.58 3.91
CA ASP A 176 3.92 4.58 5.05
C ASP A 176 3.46 5.61 6.06
N THR A 177 2.72 5.16 7.08
CA THR A 177 2.15 6.09 8.05
C THR A 177 3.21 6.69 8.96
N VAL A 178 4.30 5.97 9.23
CA VAL A 178 5.38 6.51 10.04
C VAL A 178 5.95 7.75 9.38
N ALA A 179 6.25 7.67 8.08
CA ALA A 179 6.80 8.82 7.37
C ALA A 179 5.77 9.94 7.24
N PHE A 180 4.49 9.59 7.14
CA PHE A 180 3.45 10.61 7.08
C PHE A 180 3.38 11.38 8.40
N HIS A 181 3.45 10.65 9.53
CA HIS A 181 3.50 11.30 10.83
C HIS A 181 4.70 12.23 10.92
N GLU A 182 5.87 11.76 10.47
CA GLU A 182 7.07 12.61 10.48
C GLU A 182 6.80 13.94 9.80
N LEU A 183 6.16 13.91 8.62
CA LEU A 183 5.84 15.13 7.90
C LEU A 183 4.90 16.01 8.72
N ILE A 184 3.83 15.42 9.25
CA ILE A 184 2.83 16.20 9.98
C ILE A 184 3.46 16.99 11.11
N GLU A 185 4.41 16.38 11.83
CA GLU A 185 5.02 16.99 13.00
C GLU A 185 6.24 17.84 12.68
N SER A 186 6.51 18.10 11.41
CA SER A 186 7.71 18.84 11.01
C SER A 186 7.38 20.20 10.42
N ALA B 56 -3.62 -20.85 -13.69
CA ALA B 56 -3.01 -19.61 -13.24
C ALA B 56 -1.91 -19.18 -14.21
N SER B 57 -1.61 -17.89 -14.26
CA SER B 57 -0.66 -17.38 -15.22
C SER B 57 0.77 -17.69 -14.78
N PRO B 58 1.73 -17.63 -15.71
CA PRO B 58 3.13 -17.86 -15.31
C PRO B 58 3.59 -16.91 -14.24
N ASN B 59 3.19 -15.63 -14.32
CA ASN B 59 3.57 -14.66 -13.30
C ASN B 59 3.03 -15.07 -11.93
N ILE B 60 1.73 -15.35 -11.86
CA ILE B 60 1.14 -15.73 -10.58
C ILE B 60 1.67 -17.08 -10.10
N GLU B 61 1.92 -18.01 -11.04
CA GLU B 61 2.55 -19.27 -10.65
C GLU B 61 3.89 -19.04 -10.00
N ALA B 62 4.71 -18.15 -10.58
CA ALA B 62 6.03 -17.88 -10.01
C ALA B 62 5.90 -17.15 -8.68
N ILE B 63 4.95 -16.23 -8.57
CA ILE B 63 4.74 -15.52 -7.31
C ILE B 63 4.29 -16.48 -6.22
N LEU B 64 3.36 -17.39 -6.55
CA LEU B 64 2.89 -18.36 -5.57
C LEU B 64 4.03 -19.24 -5.06
N ALA B 65 4.97 -19.60 -5.94
CA ALA B 65 6.08 -20.43 -5.51
C ALA B 65 6.95 -19.71 -4.49
N SER B 66 7.14 -18.39 -4.68
CA SER B 66 7.95 -17.63 -3.72
C SER B 66 7.25 -17.53 -2.38
N TYR B 67 5.93 -17.30 -2.39
CA TYR B 67 5.18 -17.30 -1.14
C TYR B 67 5.30 -18.63 -0.42
N ALA B 68 5.27 -19.74 -1.16
CA ALA B 68 5.51 -21.04 -0.55
C ALA B 68 6.90 -21.10 0.07
N GLY B 69 7.88 -20.50 -0.60
CA GLY B 69 9.23 -20.48 -0.05
C GLY B 69 9.30 -19.73 1.27
N PHE B 70 8.62 -18.60 1.37
N PHE B 70 8.66 -18.57 1.34
CA PHE B 70 8.61 -17.89 2.65
CA PHE B 70 8.53 -17.85 2.60
C PHE B 70 7.85 -18.69 3.71
C PHE B 70 7.88 -18.72 3.67
N ARG B 71 6.74 -19.31 3.32
CA ARG B 71 5.96 -20.08 4.30
C ARG B 71 6.77 -21.24 4.85
N ASP B 72 7.45 -21.99 3.97
CA ASP B 72 8.18 -23.18 4.38
C ASP B 72 9.65 -22.91 4.68
N ARG B 73 10.05 -21.64 4.69
CA ARG B 73 11.43 -21.25 5.02
C ARG B 73 12.42 -21.98 4.11
N ASP B 74 12.17 -21.90 2.81
CA ASP B 74 12.96 -22.55 1.79
C ASP B 74 13.51 -21.45 0.87
N ILE B 75 14.75 -21.04 1.11
CA ILE B 75 15.31 -19.92 0.35
C ILE B 75 15.27 -20.23 -1.14
N GLU B 76 15.61 -21.47 -1.53
CA GLU B 76 15.54 -21.84 -2.94
C GLU B 76 14.17 -21.49 -3.52
N GLY B 77 13.10 -21.82 -2.80
CA GLY B 77 11.77 -21.54 -3.28
C GLY B 77 11.51 -20.04 -3.39
N ILE B 78 11.92 -19.27 -2.39
CA ILE B 78 11.78 -17.82 -2.46
C ILE B 78 12.46 -17.28 -3.70
N LEU B 79 13.73 -17.66 -3.91
CA LEU B 79 14.50 -17.10 -5.01
C LEU B 79 14.09 -17.67 -6.37
N SER B 80 13.33 -18.76 -6.39
CA SER B 80 12.92 -19.36 -7.66
C SER B 80 12.13 -18.39 -8.53
N GLY B 81 11.50 -17.37 -7.94
CA GLY B 81 10.75 -16.39 -8.70
C GLY B 81 11.39 -15.02 -8.80
N MET B 82 12.68 -14.89 -8.48
CA MET B 82 13.39 -13.62 -8.46
C MET B 82 14.48 -13.64 -9.51
N HIS B 83 14.70 -12.50 -10.15
CA HIS B 83 15.86 -12.36 -11.00
C HIS B 83 17.09 -12.06 -10.15
N PRO B 84 18.28 -12.40 -10.63
CA PRO B 84 19.49 -12.12 -9.82
C PRO B 84 19.64 -10.65 -9.46
N ASP B 85 19.16 -9.74 -10.30
CA ASP B 85 19.19 -8.30 -10.02
C ASP B 85 17.84 -7.79 -9.52
N VAL B 86 17.13 -8.59 -8.74
CA VAL B 86 15.83 -8.18 -8.22
C VAL B 86 16.01 -7.06 -7.20
N GLU B 87 14.96 -6.26 -7.04
CA GLU B 87 14.94 -5.14 -6.11
C GLU B 87 13.85 -5.38 -5.08
N TRP B 88 14.23 -5.40 -3.80
CA TRP B 88 13.29 -5.51 -2.68
C TRP B 88 13.17 -4.13 -2.04
N VAL B 89 11.94 -3.62 -1.95
CA VAL B 89 11.69 -2.28 -1.43
C VAL B 89 10.71 -2.40 -0.26
N HIS B 90 11.09 -1.84 0.87
CA HIS B 90 10.25 -1.77 2.05
C HIS B 90 10.13 -0.32 2.51
N PRO B 91 9.11 0.00 3.32
CA PRO B 91 8.88 1.41 3.66
C PRO B 91 10.05 2.01 4.42
N GLU B 92 10.33 3.29 4.13
CA GLU B 92 11.40 4.01 4.81
C GLU B 92 11.14 4.09 6.32
N GLY B 93 9.87 4.14 6.72
CA GLY B 93 9.55 4.21 8.13
C GLY B 93 9.96 2.99 8.93
N MET B 94 10.36 1.92 8.26
CA MET B 94 10.91 0.75 8.92
C MET B 94 12.42 0.83 9.13
N GLY B 95 13.05 1.94 8.74
CA GLY B 95 14.48 2.08 8.94
C GLY B 95 14.88 2.01 10.40
N LYS B 96 13.99 2.42 11.29
CA LYS B 96 14.23 2.27 12.72
C LYS B 96 14.68 0.87 13.08
N TYR B 97 14.25 -0.13 12.32
CA TYR B 97 14.52 -1.53 12.61
C TYR B 97 15.41 -2.20 11.57
N GLY B 98 16.06 -1.42 10.72
CA GLY B 98 16.90 -2.01 9.69
C GLY B 98 16.14 -2.78 8.65
N LEU B 99 14.83 -2.56 8.54
CA LEU B 99 13.98 -3.29 7.60
C LEU B 99 13.32 -2.37 6.59
N GLY B 100 13.91 -1.19 6.35
CA GLY B 100 13.35 -0.22 5.43
C GLY B 100 14.26 0.00 4.23
N GLY B 101 13.69 0.64 3.21
CA GLY B 101 14.46 0.98 2.04
C GLY B 101 14.58 -0.18 1.06
N THR B 102 15.65 -0.15 0.27
CA THR B 102 15.83 -1.07 -0.85
C THR B 102 16.90 -2.11 -0.51
N LYS B 103 16.68 -3.33 -0.96
CA LYS B 103 17.66 -4.41 -0.90
C LYS B 103 17.87 -4.92 -2.32
N LEU B 104 19.11 -5.25 -2.66
CA LEU B 104 19.48 -5.56 -4.04
C LEU B 104 19.92 -7.02 -4.15
N GLY B 105 19.38 -7.71 -5.15
CA GLY B 105 19.86 -9.02 -5.54
C GLY B 105 19.49 -10.12 -4.57
N HIS B 106 19.88 -11.34 -4.93
CA HIS B 106 19.72 -12.48 -4.03
C HIS B 106 20.40 -12.21 -2.69
N ALA B 107 21.59 -11.60 -2.71
CA ALA B 107 22.31 -11.34 -1.48
C ALA B 107 21.54 -10.38 -0.57
N GLY B 108 20.84 -9.41 -1.16
CA GLY B 108 20.06 -8.49 -0.37
C GLY B 108 18.85 -9.15 0.27
N ILE B 109 18.19 -10.05 -0.47
CA ILE B 109 17.08 -10.81 0.08
C ILE B 109 17.54 -11.62 1.28
N LYS B 110 18.67 -12.31 1.14
CA LYS B 110 19.18 -13.13 2.24
C LYS B 110 19.53 -12.26 3.44
N GLU B 111 20.16 -11.11 3.21
CA GLU B 111 20.43 -10.18 4.31
C GLU B 111 19.14 -9.77 5.01
N PHE B 112 18.09 -9.48 4.25
CA PHE B 112 16.83 -9.03 4.85
C PHE B 112 16.23 -10.13 5.71
N LEU B 113 16.07 -11.33 5.14
CA LEU B 113 15.45 -12.43 5.88
C LEU B 113 16.25 -12.79 7.12
N ALA B 114 17.57 -12.64 7.08
CA ALA B 114 18.38 -12.94 8.25
C ALA B 114 18.21 -11.90 9.35
N HIS B 115 17.81 -10.67 8.99
CA HIS B 115 17.63 -9.64 10.01
C HIS B 115 16.26 -9.70 10.67
N VAL B 116 15.23 -10.18 9.97
CA VAL B 116 13.87 -10.17 10.51
C VAL B 116 13.80 -10.85 11.88
N PRO B 117 14.34 -12.06 12.07
CA PRO B 117 14.23 -12.71 13.38
C PRO B 117 14.83 -11.89 14.52
N THR B 118 15.69 -10.93 14.20
CA THR B 118 16.24 -10.03 15.21
C THR B 118 15.20 -9.02 15.70
N VAL B 119 14.12 -8.83 14.96
CA VAL B 119 13.12 -7.82 15.28
C VAL B 119 11.78 -8.44 15.64
N LEU B 120 11.37 -9.50 14.94
CA LEU B 120 10.07 -10.11 15.11
C LEU B 120 10.21 -11.56 15.55
N GLY B 121 9.17 -12.05 16.22
CA GLY B 121 9.10 -13.46 16.56
C GLY B 121 8.62 -14.35 15.43
N GLY B 122 7.88 -13.80 14.48
CA GLY B 122 7.38 -14.59 13.37
C GLY B 122 6.51 -13.75 12.46
N MET B 123 6.22 -14.31 11.30
CA MET B 123 5.38 -13.70 10.30
C MET B 123 4.80 -14.73 9.39
N ARG B 124 3.50 -14.71 9.15
CA ARG B 124 2.82 -15.68 8.31
C ARG B 124 1.88 -14.93 7.37
N LEU B 125 2.13 -15.06 6.07
CA LEU B 125 1.39 -14.33 5.05
C LEU B 125 0.16 -15.11 4.61
N ALA B 126 -0.92 -14.39 4.32
CA ALA B 126 -2.15 -14.97 3.80
C ALA B 126 -2.61 -14.12 2.62
N PRO B 127 -2.06 -14.35 1.43
CA PRO B 127 -2.53 -13.64 0.24
C PRO B 127 -3.98 -14.00 -0.06
N ARG B 128 -4.73 -13.02 -0.56
CA ARG B 128 -6.16 -13.21 -0.76
C ARG B 128 -6.61 -12.79 -2.15
N GLU B 129 -5.97 -11.77 -2.72
CA GLU B 129 -6.43 -11.18 -3.97
C GLU B 129 -5.23 -10.84 -4.84
N PHE B 130 -5.32 -11.20 -6.11
CA PHE B 130 -4.26 -10.96 -7.10
C PHE B 130 -4.81 -10.12 -8.23
N ILE B 131 -4.26 -8.92 -8.41
CA ILE B 131 -4.64 -8.04 -9.51
C ILE B 131 -3.48 -8.03 -10.50
N GLU B 132 -3.73 -8.52 -11.70
CA GLU B 132 -2.69 -8.65 -12.72
C GLU B 132 -3.07 -7.87 -13.97
N GLN B 133 -2.12 -7.09 -14.47
CA GLN B 133 -2.24 -6.44 -15.77
C GLN B 133 -0.86 -6.46 -16.42
N GLY B 134 -0.71 -7.22 -17.49
CA GLY B 134 0.58 -7.34 -18.13
C GLY B 134 1.58 -7.98 -17.19
N ASP B 135 2.69 -7.29 -16.95
CA ASP B 135 3.74 -7.78 -16.07
C ASP B 135 3.73 -7.12 -14.69
N ARG B 136 2.59 -6.55 -14.30
CA ARG B 136 2.41 -6.01 -12.96
C ARG B 136 1.38 -6.87 -12.23
N VAL B 137 1.70 -7.27 -11.01
CA VAL B 137 0.79 -8.00 -10.14
C VAL B 137 0.77 -7.31 -8.79
N VAL B 138 -0.43 -6.99 -8.31
CA VAL B 138 -0.61 -6.40 -6.99
C VAL B 138 -1.36 -7.42 -6.14
N VAL B 139 -0.76 -7.81 -5.03
CA VAL B 139 -1.30 -8.83 -4.14
C VAL B 139 -1.77 -8.15 -2.86
N PHE B 140 -3.02 -8.38 -2.49
CA PHE B 140 -3.58 -7.93 -1.23
C PHE B 140 -3.82 -9.13 -0.34
N GLY B 141 -3.49 -8.99 0.94
CA GLY B 141 -3.80 -10.02 1.90
C GLY B 141 -3.58 -9.54 3.31
N THR B 142 -3.63 -10.49 4.23
CA THR B 142 -3.32 -10.23 5.63
C THR B 142 -2.10 -11.05 6.02
N ARG B 143 -1.53 -10.74 7.18
CA ARG B 143 -0.43 -11.52 7.70
C ARG B 143 -0.47 -11.48 9.22
N GLU B 144 -0.22 -12.63 9.83
CA GLU B 144 -0.12 -12.75 11.27
C GLU B 144 1.33 -12.46 11.68
N VAL B 145 1.51 -11.48 12.54
CA VAL B 145 2.84 -11.01 12.93
C VAL B 145 2.97 -11.19 14.44
N THR B 146 4.06 -11.83 14.86
CA THR B 146 4.31 -12.15 16.26
C THR B 146 5.53 -11.38 16.74
N SER B 147 5.38 -10.67 17.85
CA SER B 147 6.49 -9.95 18.43
C SER B 147 7.46 -10.94 19.07
N LEU B 148 8.63 -10.43 19.47
CA LEU B 148 9.58 -11.26 20.20
C LEU B 148 9.06 -11.68 21.57
N ARG B 149 7.99 -11.07 22.04
CA ARG B 149 7.34 -11.42 23.30
C ARG B 149 6.16 -12.36 23.10
N GLY B 150 5.94 -12.83 21.87
CA GLY B 150 4.83 -13.71 21.58
C GLY B 150 3.49 -13.03 21.40
N THR B 151 3.45 -11.70 21.40
CA THR B 151 2.21 -10.98 21.12
C THR B 151 1.94 -11.01 19.62
N THR B 152 0.71 -11.34 19.24
CA THR B 152 0.34 -11.56 17.86
C THR B 152 -0.73 -10.57 17.42
N ALA B 153 -0.68 -10.19 16.15
CA ALA B 153 -1.67 -9.31 15.54
C ALA B 153 -1.86 -9.69 14.09
N THR B 154 -3.04 -9.39 13.57
CA THR B 154 -3.35 -9.58 12.15
C THR B 154 -3.28 -8.22 11.46
N LEU B 155 -2.38 -8.09 10.49
CA LEU B 155 -2.16 -6.84 9.79
C LEU B 155 -2.36 -7.03 8.29
N ASP B 156 -2.51 -5.91 7.59
CA ASP B 156 -2.71 -5.91 6.15
C ASP B 156 -1.39 -5.70 5.43
N PHE B 157 -1.30 -6.24 4.22
CA PHE B 157 -0.14 -6.01 3.38
C PHE B 157 -0.58 -5.82 1.93
N VAL B 158 0.21 -5.04 1.21
CA VAL B 158 0.14 -4.93 -0.24
C VAL B 158 1.53 -5.26 -0.79
N HIS B 159 1.57 -6.15 -1.77
CA HIS B 159 2.81 -6.54 -2.45
C HIS B 159 2.67 -6.17 -3.91
N SER B 160 3.48 -5.22 -4.37
CA SER B 160 3.45 -4.76 -5.75
C SER B 160 4.63 -5.41 -6.49
N TRP B 161 4.30 -6.27 -7.45
CA TRP B 161 5.27 -7.08 -8.16
C TRP B 161 5.45 -6.57 -9.59
N THR B 162 6.71 -6.53 -10.04
CA THR B 162 7.03 -6.27 -11.44
C THR B 162 7.79 -7.47 -11.99
N MET B 163 7.33 -7.98 -13.13
CA MET B 163 7.83 -9.22 -13.71
C MET B 163 8.54 -8.97 -15.03
N ARG B 164 9.46 -9.88 -15.36
CA ARG B 164 10.05 -9.95 -16.70
C ARG B 164 10.32 -11.43 -16.98
N ASP B 165 9.67 -11.97 -18.02
CA ASP B 165 9.91 -13.34 -18.46
C ASP B 165 9.66 -14.33 -17.32
N GLY B 166 8.65 -14.05 -16.51
CA GLY B 166 8.21 -14.98 -15.49
C GLY B 166 8.93 -14.89 -14.15
N LYS B 167 9.82 -13.92 -13.97
CA LYS B 167 10.49 -13.71 -12.69
C LYS B 167 10.41 -12.23 -12.32
N ALA B 168 10.61 -11.96 -11.02
CA ALA B 168 10.42 -10.62 -10.48
C ALA B 168 11.67 -9.77 -10.67
N THR B 169 11.48 -8.57 -11.22
CA THR B 169 12.52 -7.55 -11.16
C THR B 169 12.36 -6.63 -9.95
N ARG B 170 11.17 -6.57 -9.37
CA ARG B 170 10.90 -5.67 -8.26
C ARG B 170 9.72 -6.20 -7.45
N MET B 171 9.82 -6.07 -6.13
CA MET B 171 8.74 -6.42 -5.22
C MET B 171 8.77 -5.42 -4.07
N GLU B 172 7.70 -4.64 -3.95
CA GLU B 172 7.59 -3.63 -2.89
C GLU B 172 6.47 -4.01 -1.92
N ASP B 173 6.74 -3.83 -0.63
CA ASP B 173 5.78 -4.13 0.43
C ASP B 173 5.30 -2.81 1.02
N ILE B 174 3.99 -2.57 0.92
CA ILE B 174 3.39 -1.33 1.37
C ILE B 174 2.38 -1.66 2.47
N PHE B 175 2.53 -1.01 3.62
CA PHE B 175 1.67 -1.31 4.76
C PHE B 175 1.72 -0.18 5.77
N ASP B 176 0.78 -0.23 6.70
CA ASP B 176 0.68 0.71 7.82
C ASP B 176 1.83 0.49 8.77
N THR B 177 2.89 1.29 8.64
CA THR B 177 4.10 1.09 9.45
C THR B 177 3.86 1.46 10.91
N VAL B 178 2.99 2.43 11.19
CA VAL B 178 2.69 2.77 12.57
C VAL B 178 2.14 1.56 13.32
N ALA B 179 1.17 0.88 12.71
CA ALA B 179 0.59 -0.30 13.34
C ALA B 179 1.60 -1.43 13.45
N PHE B 180 2.51 -1.52 12.49
CA PHE B 180 3.56 -2.53 12.55
C PHE B 180 4.51 -2.26 13.72
N HIS B 181 4.89 -0.99 13.92
CA HIS B 181 5.71 -0.64 15.08
C HIS B 181 5.02 -1.00 16.38
N GLU B 182 3.72 -0.68 16.49
CA GLU B 182 2.97 -1.02 17.70
C GLU B 182 3.11 -2.50 18.03
N LEU B 183 2.94 -3.36 17.02
CA LEU B 183 3.09 -4.79 17.24
C LEU B 183 4.48 -5.13 17.73
N ILE B 184 5.50 -4.60 17.05
CA ILE B 184 6.89 -4.93 17.40
C ILE B 184 7.16 -4.64 18.86
N GLU B 185 6.65 -3.52 19.37
CA GLU B 185 6.94 -3.07 20.73
C GLU B 185 5.97 -3.64 21.76
N SER B 186 5.12 -4.58 21.39
CA SER B 186 4.11 -5.12 22.30
C SER B 186 4.39 -6.57 22.67
#